data_7BZJ
#
_entry.id   7BZJ
#
_cell.length_a   87.373
_cell.length_b   87.373
_cell.length_c   135.528
_cell.angle_alpha   90.000
_cell.angle_beta   90.000
_cell.angle_gamma   120.000
#
_symmetry.space_group_name_H-M   'P 61 2 2'
#
loop_
_entity.id
_entity.type
_entity.pdbx_description
1 polymer 'Leucine--tRNA ligase'
2 non-polymer "[(1~{R},5~{R},6~{S},8~{R})-8-(6-aminopurin-9-yl)-4'-[(~{R})-oxidanyl-[4-(2-oxidanylidenepropylsulfanyl)phenyl]methyl]spiro[2,4,7-trioxa-3-boranuidabicyclo[3.3.0]octane-3,7'-7-boranuidabicyclo[4.3.0]nona-1(6),2,4-triene]-6-yl]methoxy-tris(oxidanyl)phosphanium"
3 water water
#
_entity_poly.entity_id   1
_entity_poly.type   'polypeptide(L)'
_entity_poly.pdbx_seq_one_letter_code
;MTGANVTFKVKGTDKEFTVFTTRPDTLFGATFTVLAPEHELVDAITSSEQAEAVADYKHQASLKSDLVRTDLAKEKTGVW
TGAYAINPVNGKEMPIWIADYVLASYGTGAVMAVPAHDQRDWEFAKQFDLPIVEVLEGGNVEEAAYTEDGLHVNSDFLDG
LNKEDAIAKIVASLEEKGCGQEKVLEHHHHHH
;
_entity_poly.pdbx_strand_id   A
#
# COMPACT_ATOMS: atom_id res chain seq x y z
N THR A 2 -2.74 -17.65 -2.39
CA THR A 2 -2.06 -17.40 -1.12
C THR A 2 -1.40 -16.02 -1.11
N GLY A 3 -1.39 -15.40 0.06
CA GLY A 3 -0.80 -14.08 0.22
C GLY A 3 -0.23 -13.90 1.59
N ALA A 4 -0.29 -12.67 2.10
CA ALA A 4 0.29 -12.40 3.41
C ALA A 4 -0.37 -11.15 3.98
N ASN A 5 -0.44 -11.12 5.31
CA ASN A 5 -0.78 -9.92 6.05
C ASN A 5 0.50 -9.24 6.52
N VAL A 6 0.50 -7.91 6.49
CA VAL A 6 1.64 -7.13 6.97
C VAL A 6 1.09 -6.03 7.86
N THR A 7 1.67 -5.86 9.03
CA THR A 7 1.17 -4.89 9.99
C THR A 7 2.11 -3.68 10.03
N PHE A 8 1.50 -2.50 10.02
CA PHE A 8 2.24 -1.23 10.02
C PHE A 8 1.82 -0.40 11.23
N LYS A 9 2.81 0.12 11.96
CA LYS A 9 2.52 1.08 13.01
C LYS A 9 2.25 2.46 12.41
N VAL A 10 1.38 3.23 13.04
CA VAL A 10 1.14 4.61 12.64
C VAL A 10 2.09 5.51 13.43
N LYS A 11 2.88 6.31 12.72
CA LYS A 11 3.88 7.12 13.41
C LYS A 11 3.24 8.07 14.39
N GLY A 12 3.88 8.23 15.55
CA GLY A 12 3.43 9.17 16.56
C GLY A 12 2.21 8.74 17.34
N THR A 13 1.80 7.47 17.24
CA THR A 13 0.62 6.97 17.94
C THR A 13 0.87 5.55 18.42
N ASP A 14 -0.10 5.03 19.16
CA ASP A 14 -0.13 3.63 19.55
C ASP A 14 -1.00 2.78 18.61
N LYS A 15 -1.28 3.27 17.42
CA LYS A 15 -2.17 2.60 16.48
C LYS A 15 -1.38 1.80 15.45
N GLU A 16 -2.05 0.79 14.89
CA GLU A 16 -1.49 -0.05 13.83
C GLU A 16 -2.61 -0.43 12.89
N PHE A 17 -2.23 -0.83 11.68
CA PHE A 17 -3.19 -1.44 10.77
C PHE A 17 -2.50 -2.53 9.96
N THR A 18 -3.32 -3.44 9.45
CA THR A 18 -2.83 -4.60 8.73
C THR A 18 -3.31 -4.52 7.29
N VAL A 19 -2.45 -4.88 6.35
CA VAL A 19 -2.84 -4.90 4.94
C VAL A 19 -2.83 -6.35 4.48
N PHE A 20 -3.57 -6.63 3.41
CA PHE A 20 -3.45 -7.90 2.72
C PHE A 20 -2.67 -7.68 1.43
N THR A 21 -1.66 -8.50 1.19
CA THR A 21 -0.90 -8.35 -0.04
C THR A 21 -0.63 -9.71 -0.64
N THR A 22 -0.72 -9.77 -1.96
CA THR A 22 -0.28 -10.91 -2.73
C THR A 22 1.22 -10.91 -2.97
N ARG A 23 1.93 -9.81 -2.68
CA ARG A 23 3.34 -9.66 -3.01
C ARG A 23 4.11 -9.06 -1.84
N PRO A 24 4.19 -9.77 -0.71
CA PRO A 24 5.00 -9.27 0.40
C PRO A 24 6.43 -8.99 -0.03
N ASP A 25 6.91 -9.67 -1.06
CA ASP A 25 8.27 -9.49 -1.57
C ASP A 25 8.53 -8.12 -2.17
N THR A 26 7.50 -7.29 -2.35
CA THR A 26 7.70 -5.94 -2.86
C THR A 26 7.70 -4.90 -1.75
N LEU A 27 7.81 -5.33 -0.49
CA LEU A 27 7.68 -4.42 0.65
C LEU A 27 8.65 -3.25 0.57
N PHE A 28 9.87 -3.48 0.08
CA PHE A 28 10.81 -2.37 -0.01
C PHE A 28 10.44 -1.33 -1.07
N GLY A 29 9.49 -1.64 -1.95
CA GLY A 29 8.98 -0.68 -2.91
C GLY A 29 7.65 -0.06 -2.51
N ALA A 30 7.17 -0.31 -1.30
CA ALA A 30 5.96 0.33 -0.83
C ALA A 30 6.29 1.75 -0.42
N THR A 31 5.84 2.72 -1.21
CA THR A 31 6.14 4.12 -0.93
C THR A 31 5.00 4.87 -0.25
N PHE A 32 3.81 4.27 -0.17
CA PHE A 32 2.73 4.84 0.63
C PHE A 32 1.78 3.70 0.96
N THR A 33 0.82 3.98 1.83
CA THR A 33 -0.23 3.03 2.17
C THR A 33 -1.56 3.69 1.86
N VAL A 34 -2.58 2.88 1.58
CA VAL A 34 -3.90 3.39 1.25
C VAL A 34 -4.94 2.62 2.06
N LEU A 35 -5.79 3.35 2.80
CA LEU A 35 -6.94 2.77 3.50
C LEU A 35 -8.20 3.05 2.70
N ALA A 36 -9.12 2.08 2.68
CA ALA A 36 -10.46 2.36 2.21
C ALA A 36 -11.00 3.59 2.96
N PRO A 37 -11.71 4.48 2.29
CA PRO A 37 -12.28 5.62 3.03
C PRO A 37 -13.12 5.18 4.23
N GLU A 38 -13.72 3.99 4.16
CA GLU A 38 -14.57 3.47 5.23
C GLU A 38 -13.78 2.73 6.32
N HIS A 39 -12.46 2.63 6.19
CA HIS A 39 -11.67 1.87 7.15
C HIS A 39 -11.84 2.43 8.56
N GLU A 40 -11.83 1.53 9.53
CA GLU A 40 -12.16 1.92 10.91
C GLU A 40 -11.13 2.85 11.52
N LEU A 41 -9.89 2.84 11.04
CA LEU A 41 -8.85 3.66 11.65
C LEU A 41 -8.83 5.11 11.18
N VAL A 42 -9.51 5.42 10.07
CA VAL A 42 -9.30 6.71 9.39
C VAL A 42 -9.51 7.88 10.36
N ASP A 43 -10.68 7.92 11.02
CA ASP A 43 -11.00 9.11 11.82
C ASP A 43 -10.00 9.32 12.94
N ALA A 44 -9.51 8.25 13.56
CA ALA A 44 -8.62 8.37 14.70
C ALA A 44 -7.24 8.90 14.31
N ILE A 45 -6.76 8.68 13.09
CA ILE A 45 -5.40 9.09 12.72
C ILE A 45 -5.39 10.32 11.81
N THR A 46 -6.53 10.77 11.33
CA THR A 46 -6.58 11.94 10.47
C THR A 46 -6.19 13.19 11.26
N SER A 47 -5.32 14.01 10.67
CA SER A 47 -4.90 15.23 11.37
C SER A 47 -5.98 16.31 11.29
N SER A 48 -5.91 17.27 12.22
CA SER A 48 -6.90 18.34 12.19
C SER A 48 -6.84 19.13 10.88
N GLU A 49 -5.65 19.32 10.29
CA GLU A 49 -5.56 20.05 9.03
C GLU A 49 -6.27 19.31 7.90
N GLN A 50 -6.23 17.98 7.90
CA GLN A 50 -6.81 17.16 6.84
C GLN A 50 -8.24 16.72 7.14
N ALA A 51 -8.77 17.04 8.32
CA ALA A 51 -10.02 16.42 8.75
C ALA A 51 -11.16 16.72 7.79
N GLU A 52 -11.29 17.98 7.37
CA GLU A 52 -12.42 18.37 6.52
C GLU A 52 -12.31 17.75 5.12
N ALA A 53 -11.09 17.70 4.57
CA ALA A 53 -10.92 17.07 3.27
C ALA A 53 -11.20 15.58 3.35
N VAL A 54 -10.79 14.94 4.44
CA VAL A 54 -11.10 13.52 4.62
C VAL A 54 -12.61 13.30 4.70
N ALA A 55 -13.31 14.13 5.49
CA ALA A 55 -14.76 13.99 5.61
C ALA A 55 -15.44 14.17 4.25
N ASP A 56 -15.04 15.20 3.51
CA ASP A 56 -15.59 15.42 2.17
C ASP A 56 -15.34 14.22 1.27
N TYR A 57 -14.13 13.66 1.30
CA TYR A 57 -13.84 12.54 0.40
C TYR A 57 -14.61 11.29 0.81
N LYS A 58 -14.72 11.03 2.12
CA LYS A 58 -15.51 9.89 2.56
C LYS A 58 -16.94 9.97 2.04
N HIS A 59 -17.51 11.18 2.06
CA HIS A 59 -18.87 11.35 1.55
C HIS A 59 -18.94 11.05 0.05
N GLN A 60 -18.00 11.59 -0.72
CA GLN A 60 -17.94 11.32 -2.16
C GLN A 60 -17.82 9.81 -2.43
N ALA A 61 -16.95 9.14 -1.67
CA ALA A 61 -16.70 7.72 -1.94
C ALA A 61 -17.94 6.88 -1.65
N SER A 62 -18.73 7.25 -0.65
CA SER A 62 -19.92 6.48 -0.32
C SER A 62 -20.98 6.53 -1.42
N LEU A 63 -20.87 7.47 -2.35
CA LEU A 63 -21.82 7.61 -3.43
C LEU A 63 -21.38 6.88 -4.70
N LYS A 64 -20.31 6.07 -4.62
CA LYS A 64 -19.82 5.31 -5.77
C LYS A 64 -19.86 3.82 -5.45
N SER A 65 -20.30 3.02 -6.42
CA SER A 65 -20.34 1.58 -6.26
C SER A 65 -18.93 0.99 -6.35
N ASP A 66 -18.80 -0.25 -5.83
CA ASP A 66 -17.53 -0.97 -5.93
C ASP A 66 -17.04 -1.06 -7.38
N LEU A 67 -17.95 -1.30 -8.32
CA LEU A 67 -17.56 -1.45 -9.72
C LEU A 67 -16.96 -0.16 -10.27
N VAL A 68 -17.58 0.98 -9.97
CA VAL A 68 -17.05 2.24 -10.44
C VAL A 68 -15.74 2.57 -9.75
N ARG A 69 -15.61 2.17 -8.48
CA ARG A 69 -14.43 2.52 -7.69
C ARG A 69 -13.19 1.75 -8.15
N THR A 70 -13.35 0.49 -8.54
CA THR A 70 -12.22 -0.33 -8.96
C THR A 70 -12.02 -0.32 -10.47
N ASP A 71 -12.77 0.49 -11.20
CA ASP A 71 -12.64 0.57 -12.64
C ASP A 71 -11.27 1.15 -13.01
N LEU A 72 -10.48 0.39 -13.79
CA LEU A 72 -9.14 0.83 -14.19
C LEU A 72 -9.16 2.12 -15.00
N ALA A 73 -10.25 2.38 -15.72
CA ALA A 73 -10.33 3.55 -16.61
C ALA A 73 -10.71 4.84 -15.90
N LYS A 74 -11.14 4.79 -14.64
CA LYS A 74 -11.58 5.99 -13.95
C LYS A 74 -10.40 6.70 -13.30
N GLU A 75 -10.41 8.04 -13.38
CA GLU A 75 -9.35 8.81 -12.74
C GLU A 75 -9.27 8.51 -11.25
N LYS A 76 -8.04 8.28 -10.77
CA LYS A 76 -7.81 8.02 -9.36
C LYS A 76 -8.03 9.28 -8.53
N THR A 77 -8.65 9.11 -7.37
CA THR A 77 -8.88 10.22 -6.47
C THR A 77 -8.47 9.80 -5.06
N GLY A 78 -8.28 10.78 -4.19
CA GLY A 78 -7.93 10.45 -2.82
C GLY A 78 -7.48 11.69 -2.08
N VAL A 79 -7.12 11.47 -0.82
CA VAL A 79 -6.67 12.55 0.03
C VAL A 79 -5.75 11.98 1.10
N TRP A 80 -4.72 12.77 1.46
CA TRP A 80 -3.82 12.38 2.53
C TRP A 80 -4.51 12.50 3.88
N THR A 81 -4.36 11.48 4.73
CA THR A 81 -4.96 11.56 6.07
C THR A 81 -4.24 12.55 6.97
N GLY A 82 -2.99 12.89 6.65
CA GLY A 82 -2.14 13.62 7.58
C GLY A 82 -1.27 12.75 8.45
N ALA A 83 -1.30 11.43 8.24
CA ALA A 83 -0.56 10.50 9.07
C ALA A 83 0.42 9.69 8.22
N TYR A 84 1.35 9.02 8.91
CA TYR A 84 2.39 8.21 8.28
C TYR A 84 2.39 6.83 8.91
N ALA A 85 2.63 5.81 8.08
CA ALA A 85 2.88 4.46 8.54
C ALA A 85 4.37 4.18 8.51
N ILE A 86 4.79 3.20 9.31
CA ILE A 86 6.20 2.83 9.44
C ILE A 86 6.42 1.50 8.75
N ASN A 87 7.29 1.48 7.76
CA ASN A 87 7.63 0.23 7.07
C ASN A 87 8.42 -0.65 8.02
N PRO A 88 7.97 -1.87 8.32
CA PRO A 88 8.68 -2.68 9.32
C PRO A 88 10.07 -3.13 8.89
N VAL A 89 10.40 -3.17 7.60
CA VAL A 89 11.71 -3.69 7.20
C VAL A 89 12.83 -2.67 7.27
N ASN A 90 12.50 -1.39 7.30
CA ASN A 90 13.55 -0.38 7.34
C ASN A 90 13.15 0.85 8.13
N GLY A 91 11.98 0.87 8.78
CA GLY A 91 11.61 1.99 9.61
C GLY A 91 11.25 3.27 8.87
N LYS A 92 11.13 3.24 7.54
CA LYS A 92 10.85 4.46 6.78
C LYS A 92 9.37 4.82 6.88
N GLU A 93 9.09 6.14 6.90
CA GLU A 93 7.72 6.63 6.93
C GLU A 93 7.08 6.54 5.55
N MET A 94 5.81 6.16 5.52
CA MET A 94 5.01 6.02 4.30
C MET A 94 3.73 6.82 4.54
N PRO A 95 3.43 7.86 3.77
CA PRO A 95 2.19 8.60 3.99
C PRO A 95 0.98 7.67 3.89
N ILE A 96 -0.02 7.90 4.74
CA ILE A 96 -1.26 7.13 4.72
C ILE A 96 -2.34 7.94 4.01
N TRP A 97 -2.77 7.46 2.84
CA TRP A 97 -3.84 8.07 2.08
C TRP A 97 -5.12 7.26 2.24
N ILE A 98 -6.25 7.90 1.93
CA ILE A 98 -7.48 7.17 1.63
C ILE A 98 -7.78 7.38 0.15
N ALA A 99 -8.32 6.35 -0.49
CA ALA A 99 -8.63 6.43 -1.91
C ALA A 99 -9.71 5.39 -2.19
N ASP A 100 -10.67 5.75 -3.04
CA ASP A 100 -11.82 4.85 -3.15
C ASP A 100 -11.54 3.62 -4.02
N TYR A 101 -10.38 3.54 -4.68
CA TYR A 101 -10.08 2.28 -5.36
C TYR A 101 -9.74 1.16 -4.38
N VAL A 102 -9.55 1.47 -3.10
CA VAL A 102 -9.40 0.45 -2.07
C VAL A 102 -10.76 0.18 -1.44
N LEU A 103 -11.19 -1.08 -1.45
CA LEU A 103 -12.52 -1.47 -0.99
C LEU A 103 -12.48 -1.91 0.47
N ALA A 104 -13.48 -1.46 1.23
CA ALA A 104 -13.52 -1.79 2.64
C ALA A 104 -13.76 -3.27 2.86
N SER A 105 -14.51 -3.93 1.97
CA SER A 105 -14.94 -5.31 2.23
C SER A 105 -13.90 -6.36 1.83
N TYR A 106 -12.88 -6.00 1.07
CA TYR A 106 -11.92 -6.98 0.57
C TYR A 106 -10.65 -6.97 1.42
N GLY A 107 -10.16 -8.15 1.77
CA GLY A 107 -9.00 -8.22 2.62
C GLY A 107 -9.23 -7.49 3.93
N THR A 108 -8.27 -6.64 4.29
CA THR A 108 -8.42 -5.84 5.50
C THR A 108 -8.99 -4.45 5.21
N GLY A 109 -9.25 -4.13 3.94
CA GLY A 109 -9.60 -2.78 3.60
C GLY A 109 -8.44 -1.81 3.61
N ALA A 110 -7.20 -2.31 3.57
CA ALA A 110 -5.99 -1.48 3.54
C ALA A 110 -4.95 -2.19 2.69
N VAL A 111 -4.14 -1.40 1.98
CA VAL A 111 -3.09 -1.96 1.12
C VAL A 111 -1.79 -1.22 1.37
N MET A 112 -0.69 -1.90 1.10
CA MET A 112 0.57 -1.21 0.88
C MET A 112 0.66 -0.93 -0.62
N ALA A 113 0.97 0.31 -0.98
CA ALA A 113 0.94 0.71 -2.38
C ALA A 113 2.34 0.56 -2.95
N VAL A 114 2.44 -0.25 -4.00
CA VAL A 114 3.70 -0.47 -4.68
C VAL A 114 3.53 0.05 -6.11
N PRO A 115 3.65 1.35 -6.33
CA PRO A 115 3.30 1.91 -7.63
C PRO A 115 4.16 1.39 -8.78
N ALA A 116 5.40 0.95 -8.50
CA ALA A 116 6.25 0.43 -9.57
C ALA A 116 5.72 -0.86 -10.17
N HIS A 117 4.92 -1.63 -9.41
CA HIS A 117 4.58 -2.98 -9.84
C HIS A 117 3.09 -3.29 -9.77
N ASP A 118 2.24 -2.32 -9.47
CA ASP A 118 0.79 -2.49 -9.45
C ASP A 118 0.13 -1.37 -10.23
N GLN A 119 -0.71 -1.73 -11.21
CA GLN A 119 -1.25 -0.72 -12.13
C GLN A 119 -2.05 0.34 -11.40
N ARG A 120 -2.92 -0.06 -10.48
CA ARG A 120 -3.74 0.94 -9.80
C ARG A 120 -2.89 1.84 -8.90
N ASP A 121 -1.95 1.24 -8.17
CA ASP A 121 -1.04 2.05 -7.35
C ASP A 121 -0.24 3.01 -8.22
N TRP A 122 0.17 2.55 -9.40
CA TRP A 122 0.95 3.39 -10.30
C TRP A 122 0.14 4.60 -10.76
N GLU A 123 -1.08 4.35 -11.23
CA GLU A 123 -1.96 5.46 -11.63
C GLU A 123 -2.17 6.45 -10.49
N PHE A 124 -2.36 5.93 -9.27
CA PHE A 124 -2.53 6.82 -8.13
C PHE A 124 -1.29 7.66 -7.90
N ALA A 125 -0.12 7.01 -7.91
CA ALA A 125 1.14 7.73 -7.68
C ALA A 125 1.38 8.80 -8.75
N LYS A 126 1.09 8.48 -10.00
CA LYS A 126 1.26 9.48 -11.06
C LYS A 126 0.30 10.64 -10.87
N GLN A 127 -0.93 10.35 -10.45
CA GLN A 127 -1.93 11.39 -10.23
C GLN A 127 -1.53 12.32 -9.08
N PHE A 128 -0.86 11.81 -8.06
CA PHE A 128 -0.60 12.60 -6.86
C PHE A 128 0.88 12.87 -6.63
N ASP A 129 1.72 12.61 -7.63
CA ASP A 129 3.16 12.92 -7.62
C ASP A 129 3.90 12.19 -6.51
N LEU A 130 3.51 10.95 -6.23
CA LEU A 130 4.14 10.17 -5.18
C LEU A 130 5.35 9.44 -5.73
N PRO A 131 6.28 9.04 -4.87
CA PRO A 131 7.48 8.34 -5.35
C PRO A 131 7.15 6.95 -5.88
N ILE A 132 7.93 6.54 -6.88
CA ILE A 132 7.83 5.22 -7.49
C ILE A 132 9.20 4.56 -7.42
N VAL A 133 9.26 3.35 -6.84
CA VAL A 133 10.52 2.70 -6.50
C VAL A 133 10.53 1.29 -7.07
N GLU A 134 11.46 1.01 -7.97
CA GLU A 134 11.57 -0.31 -8.58
C GLU A 134 12.16 -1.30 -7.59
N VAL A 135 11.54 -2.48 -7.45
CA VAL A 135 12.15 -3.54 -6.64
C VAL A 135 12.18 -4.87 -7.40
N LEU A 136 11.60 -4.90 -8.61
CA LEU A 136 11.72 -6.04 -9.53
C LEU A 136 12.19 -5.51 -10.88
N GLU A 137 13.32 -6.01 -11.38
CA GLU A 137 13.82 -5.43 -12.61
C GLU A 137 13.19 -6.12 -13.82
N GLY A 138 13.20 -5.41 -14.95
CA GLY A 138 12.50 -5.87 -16.13
C GLY A 138 11.81 -4.75 -16.88
N GLY A 139 11.50 -3.65 -16.20
CA GLY A 139 10.81 -2.56 -16.86
C GLY A 139 11.43 -1.19 -16.62
N ASN A 140 10.67 -0.15 -16.94
CA ASN A 140 11.02 1.23 -16.65
C ASN A 140 9.85 1.82 -15.88
N VAL A 141 9.92 1.77 -14.55
CA VAL A 141 8.69 1.89 -13.77
C VAL A 141 8.17 3.32 -13.73
N GLU A 142 8.99 4.31 -14.04
CA GLU A 142 8.48 5.67 -14.11
C GLU A 142 7.55 5.87 -15.30
N GLU A 143 7.75 5.09 -16.38
CA GLU A 143 6.93 5.21 -17.58
C GLU A 143 5.76 4.25 -17.60
N ALA A 144 5.88 3.10 -16.97
CA ALA A 144 4.84 2.08 -16.99
C ALA A 144 5.05 1.16 -15.80
N ALA A 145 3.99 0.88 -15.06
CA ALA A 145 4.07 -0.14 -14.02
C ALA A 145 4.61 -1.43 -14.61
N TYR A 146 5.52 -2.09 -13.89
CA TYR A 146 6.06 -3.36 -14.33
C TYR A 146 5.43 -4.47 -13.51
N THR A 147 4.44 -5.15 -14.10
CA THR A 147 3.56 -6.07 -13.38
C THR A 147 3.95 -7.52 -13.57
N GLU A 148 5.23 -7.81 -13.79
CA GLU A 148 5.69 -9.16 -14.08
C GLU A 148 6.85 -9.51 -13.16
N ASP A 149 7.27 -10.77 -13.21
CA ASP A 149 8.32 -11.24 -12.32
C ASP A 149 9.70 -10.80 -12.81
N GLY A 150 10.65 -10.79 -11.89
CA GLY A 150 12.02 -10.44 -12.21
C GLY A 150 12.82 -10.47 -10.94
N LEU A 151 14.14 -10.35 -11.09
CA LEU A 151 15.03 -10.37 -9.93
C LEU A 151 14.82 -9.13 -9.08
N HIS A 152 14.90 -9.31 -7.76
CA HIS A 152 14.65 -8.21 -6.83
C HIS A 152 15.85 -7.29 -6.74
N VAL A 153 15.58 -5.98 -6.75
CA VAL A 153 16.60 -4.95 -6.56
C VAL A 153 16.10 -3.99 -5.49
N ASN A 154 17.02 -3.21 -4.96
CA ASN A 154 16.69 -2.17 -3.98
C ASN A 154 15.96 -2.77 -2.78
N SER A 155 16.20 -4.04 -2.50
CA SER A 155 15.42 -4.79 -1.53
C SER A 155 16.29 -5.48 -0.49
N ASP A 156 17.44 -4.89 -0.16
CA ASP A 156 18.28 -5.38 0.93
C ASP A 156 18.53 -6.88 0.78
N PHE A 157 18.12 -7.67 1.77
CA PHE A 157 18.42 -9.09 1.77
C PHE A 157 17.60 -9.87 0.74
N LEU A 158 16.66 -9.25 0.04
CA LEU A 158 15.94 -9.96 -1.01
C LEU A 158 16.62 -9.86 -2.37
N ASP A 159 17.63 -9.02 -2.51
CA ASP A 159 18.25 -8.78 -3.81
C ASP A 159 18.68 -10.08 -4.47
N GLY A 160 18.45 -10.16 -5.78
CA GLY A 160 18.87 -11.30 -6.55
C GLY A 160 17.92 -12.49 -6.50
N LEU A 161 16.92 -12.48 -5.65
CA LEU A 161 16.00 -13.61 -5.54
C LEU A 161 14.84 -13.47 -6.52
N ASN A 162 14.23 -14.61 -6.85
CA ASN A 162 13.01 -14.61 -7.64
C ASN A 162 11.81 -14.45 -6.72
N LYS A 163 10.61 -14.52 -7.28
CA LYS A 163 9.39 -14.28 -6.50
C LYS A 163 9.26 -15.30 -5.37
N GLU A 164 9.34 -16.59 -5.72
CA GLU A 164 9.08 -17.63 -4.72
C GLU A 164 10.08 -17.54 -3.57
N ASP A 165 11.35 -17.30 -3.89
CA ASP A 165 12.37 -17.25 -2.84
C ASP A 165 12.19 -16.00 -1.99
N ALA A 166 12.01 -14.85 -2.64
CA ALA A 166 11.83 -13.59 -1.91
C ALA A 166 10.62 -13.65 -1.00
N ILE A 167 9.52 -14.25 -1.46
CA ILE A 167 8.33 -14.32 -0.63
C ILE A 167 8.58 -15.16 0.62
N ALA A 168 9.25 -16.31 0.45
CA ALA A 168 9.58 -17.12 1.61
C ALA A 168 10.47 -16.34 2.58
N LYS A 169 11.48 -15.65 2.05
CA LYS A 169 12.41 -14.96 2.93
C LYS A 169 11.74 -13.80 3.66
N ILE A 170 10.95 -12.98 2.94
CA ILE A 170 10.33 -11.82 3.59
C ILE A 170 9.31 -12.29 4.64
N VAL A 171 8.52 -13.31 4.31
CA VAL A 171 7.54 -13.80 5.27
C VAL A 171 8.23 -14.32 6.52
N ALA A 172 9.34 -15.04 6.35
CA ALA A 172 10.10 -15.51 7.51
C ALA A 172 10.57 -14.34 8.37
N SER A 173 11.07 -13.29 7.72
CA SER A 173 11.52 -12.13 8.47
C SER A 173 10.38 -11.44 9.20
N LEU A 174 9.23 -11.31 8.55
CA LEU A 174 8.08 -10.65 9.17
C LEU A 174 7.52 -11.47 10.32
N GLU A 175 7.35 -12.78 10.12
CA GLU A 175 6.82 -13.62 11.18
C GLU A 175 7.71 -13.61 12.41
N GLU A 176 8.97 -13.41 12.18
CA GLU A 176 9.96 -13.38 13.23
C GLU A 176 9.97 -12.07 14.00
N LYS A 177 9.62 -10.96 13.36
CA LYS A 177 9.41 -9.71 14.06
C LYS A 177 7.99 -9.57 14.59
N GLY A 178 7.11 -10.53 14.29
CA GLY A 178 5.74 -10.45 14.74
C GLY A 178 4.87 -9.46 14.01
N CYS A 179 5.22 -9.08 12.78
CA CYS A 179 4.40 -8.12 12.06
C CYS A 179 4.02 -8.61 10.66
N GLY A 180 3.93 -9.92 10.47
CA GLY A 180 3.52 -10.47 9.19
C GLY A 180 3.29 -11.97 9.29
N GLN A 181 2.46 -12.46 8.39
CA GLN A 181 2.16 -13.89 8.32
C GLN A 181 1.55 -14.18 6.96
N GLU A 182 1.71 -15.42 6.49
CA GLU A 182 1.06 -15.80 5.25
C GLU A 182 -0.44 -15.96 5.50
N LYS A 183 -1.23 -15.59 4.50
CA LYS A 183 -2.69 -15.57 4.64
C LYS A 183 -3.36 -16.09 3.37
N VAL A 184 -4.35 -16.96 3.55
CA VAL A 184 -5.14 -17.46 2.42
C VAL A 184 -6.60 -17.08 2.61
#